data_6MC0
#
_entry.id   6MC0
#
_cell.length_a   103.290
_cell.length_b   67.560
_cell.length_c   73.320
_cell.angle_alpha   90.000
_cell.angle_beta   118.820
_cell.angle_gamma   90.000
#
_symmetry.space_group_name_H-M   'C 1 2 1'
#
loop_
_entity.id
_entity.type
_entity.pdbx_description
1 polymer 'Ribose-5-phosphate isomerase A'
2 non-polymer RIBOSE-5-PHOSPHATE
3 non-polymer 'SODIUM ION'
4 non-polymer RIBULOSE-5-PHOSPHATE
5 water water
#
_entity_poly.entity_id   1
_entity_poly.type   'polypeptide(L)'
_entity_poly.pdbx_seq_one_letter_code
;MAHHHHHHMSELKIKAAKAAIAYIEDDMVIGVGTGSTVNFFIKELAAIKHKIEACVASSKATEALLRAEGIPVIDLNSVQ
DLPIYVDGADEVNERGEMIKGGGGALTREKIVANVATQFICIVDESKVVKRLGEFPVAVEVIPMARSFVARQIVKLGGDP
EYREGFVTDNGNIILDVFNLSFSTPMALEDSLNVIPGVVENGVFAKRLADKVLVASASGVNNLK
;
_entity_poly.pdbx_strand_id   A,B
#
loop_
_chem_comp.id
_chem_comp.type
_chem_comp.name
_chem_comp.formula
5RP saccharide RIBULOSE-5-PHOSPHATE 'C5 H11 O8 P'
NA non-polymer 'SODIUM ION' 'Na 1'
R5P saccharide RIBOSE-5-PHOSPHATE 'C5 H11 O8 P'
#
# COMPACT_ATOMS: atom_id res chain seq x y z
N HIS A 7 -8.34 -31.92 25.13
CA HIS A 7 -7.47 -31.67 23.99
C HIS A 7 -6.93 -30.23 24.01
N HIS A 8 -5.62 -30.09 24.26
CA HIS A 8 -4.96 -28.81 24.17
C HIS A 8 -5.24 -28.16 22.82
N MET A 9 -5.39 -26.84 22.83
CA MET A 9 -5.35 -26.08 21.58
C MET A 9 -4.08 -26.39 20.81
N SER A 10 -2.96 -26.47 21.53
CA SER A 10 -1.67 -26.85 20.93
C SER A 10 -1.79 -28.14 20.14
N GLU A 11 -2.47 -29.14 20.69
CA GLU A 11 -2.56 -30.43 20.02
C GLU A 11 -3.35 -30.33 18.72
N LEU A 12 -4.47 -29.59 18.71
CA LEU A 12 -5.19 -29.41 17.46
C LEU A 12 -4.32 -28.70 16.42
N LYS A 13 -3.60 -27.66 16.84
CA LYS A 13 -2.74 -26.96 15.88
C LYS A 13 -1.65 -27.89 15.35
N ILE A 14 -1.09 -28.75 16.22
CA ILE A 14 -0.09 -29.71 15.77
C ILE A 14 -0.69 -30.67 14.73
N LYS A 15 -1.89 -31.20 14.99
CA LYS A 15 -2.54 -32.09 14.01
C LYS A 15 -2.69 -31.41 12.65
N ALA A 16 -3.18 -30.17 12.65
CA ALA A 16 -3.33 -29.45 11.40
C ALA A 16 -1.98 -29.21 10.73
N ALA A 17 -0.96 -28.87 11.52
CA ALA A 17 0.38 -28.69 10.97
C ALA A 17 0.88 -29.96 10.29
N LYS A 18 0.78 -31.10 11.00
CA LYS A 18 1.23 -32.35 10.42
C LYS A 18 0.45 -32.73 9.17
N ALA A 19 -0.83 -32.36 9.12
CA ALA A 19 -1.63 -32.67 7.93
C ALA A 19 -1.15 -31.90 6.71
N ALA A 20 -0.69 -30.66 6.89
CA ALA A 20 -0.12 -29.94 5.77
C ALA A 20 1.19 -30.56 5.30
N ILE A 21 1.98 -31.09 6.23
CA ILE A 21 3.26 -31.71 5.86
C ILE A 21 3.07 -32.76 4.78
N ALA A 22 1.93 -33.45 4.78
CA ALA A 22 1.68 -34.51 3.81
C ALA A 22 1.66 -33.99 2.39
N TYR A 23 1.43 -32.70 2.19
CA TYR A 23 1.39 -32.10 0.86
C TYR A 23 2.75 -31.59 0.39
N ILE A 24 3.78 -31.69 1.21
CA ILE A 24 5.10 -31.19 0.83
C ILE A 24 5.82 -32.28 0.05
N GLU A 25 6.23 -31.96 -1.17
CA GLU A 25 7.01 -32.86 -2.01
CA GLU A 25 7.01 -32.86 -2.00
C GLU A 25 8.47 -32.46 -1.99
N ASP A 26 9.34 -33.41 -2.34
CA ASP A 26 10.78 -33.16 -2.36
C ASP A 26 11.13 -32.00 -3.29
N ASP A 27 12.15 -31.25 -2.91
CA ASP A 27 12.76 -30.19 -3.71
C ASP A 27 11.84 -28.99 -3.94
N MET A 28 10.82 -28.82 -3.10
CA MET A 28 9.93 -27.65 -3.19
C MET A 28 10.51 -26.44 -2.48
N VAL A 29 10.22 -25.26 -3.01
CA VAL A 29 10.30 -24.02 -2.25
C VAL A 29 8.94 -23.81 -1.58
N ILE A 30 8.94 -23.51 -0.28
CA ILE A 30 7.72 -23.51 0.54
C ILE A 30 7.50 -22.11 1.09
N GLY A 31 6.37 -21.50 0.73
CA GLY A 31 5.97 -20.27 1.37
C GLY A 31 5.39 -20.57 2.75
N VAL A 32 5.82 -19.81 3.76
CA VAL A 32 5.40 -20.05 5.13
C VAL A 32 4.69 -18.82 5.66
N GLY A 33 3.49 -19.04 6.20
CA GLY A 33 2.69 -17.99 6.80
C GLY A 33 3.20 -17.54 8.16
N THR A 34 2.27 -17.03 8.99
CA THR A 34 2.65 -16.51 10.30
CA THR A 34 2.62 -16.46 10.29
C THR A 34 1.64 -16.96 11.34
N GLY A 35 2.08 -16.95 12.60
CA GLY A 35 1.20 -17.20 13.72
C GLY A 35 1.51 -18.52 14.40
N SER A 36 0.71 -18.80 15.43
CA SER A 36 1.02 -19.89 16.34
C SER A 36 0.79 -21.25 15.68
N THR A 37 -0.24 -21.37 14.82
CA THR A 37 -0.44 -22.63 14.11
C THR A 37 0.70 -22.88 13.13
N VAL A 38 1.06 -21.86 12.36
CA VAL A 38 2.20 -21.95 11.43
C VAL A 38 3.47 -22.31 12.18
N ASN A 39 3.63 -21.80 13.41
CA ASN A 39 4.86 -22.06 14.17
C ASN A 39 5.02 -23.54 14.52
N PHE A 40 3.92 -24.25 14.77
CA PHE A 40 4.02 -25.71 14.90
C PHE A 40 4.36 -26.36 13.57
N PHE A 41 3.89 -25.79 12.47
CA PHE A 41 4.25 -26.31 11.16
C PHE A 41 5.73 -26.13 10.87
N ILE A 42 6.29 -24.99 11.29
CA ILE A 42 7.73 -24.77 11.15
C ILE A 42 8.51 -25.90 11.85
N LYS A 43 8.05 -26.31 13.03
CA LYS A 43 8.72 -27.40 13.73
C LYS A 43 8.62 -28.70 12.94
N GLU A 44 7.50 -28.91 12.24
CA GLU A 44 7.37 -30.10 11.40
C GLU A 44 8.27 -30.01 10.18
N LEU A 45 8.38 -28.83 9.57
CA LEU A 45 9.26 -28.65 8.42
C LEU A 45 10.72 -28.92 8.77
N ALA A 46 11.15 -28.49 9.96
CA ALA A 46 12.53 -28.72 10.38
C ALA A 46 12.92 -30.19 10.24
N ALA A 47 11.98 -31.09 10.57
CA ALA A 47 12.25 -32.52 10.49
C ALA A 47 12.50 -33.00 9.06
N ILE A 48 12.00 -32.29 8.05
CA ILE A 48 12.18 -32.75 6.67
C ILE A 48 12.93 -31.72 5.84
N LYS A 49 13.72 -30.87 6.48
CA LYS A 49 14.31 -29.73 5.77
C LYS A 49 15.33 -30.17 4.74
N HIS A 50 15.97 -31.32 4.93
CA HIS A 50 16.85 -31.87 3.90
C HIS A 50 16.09 -32.25 2.63
N LYS A 51 14.76 -32.46 2.74
CA LYS A 51 13.97 -32.86 1.58
C LYS A 51 13.53 -31.69 0.73
N ILE A 52 13.63 -30.45 1.22
CA ILE A 52 13.12 -29.28 0.51
C ILE A 52 14.29 -28.36 0.15
N GLU A 53 14.02 -27.38 -0.72
CA GLU A 53 15.03 -26.46 -1.20
C GLU A 53 15.18 -25.21 -0.33
N ALA A 54 14.08 -24.50 -0.07
CA ALA A 54 14.13 -23.27 0.72
C ALA A 54 12.72 -22.86 1.06
N CYS A 55 12.62 -21.86 1.92
CA CYS A 55 11.34 -21.29 2.31
C CYS A 55 11.32 -19.79 2.00
N VAL A 56 10.12 -19.30 1.70
CA VAL A 56 9.84 -17.87 1.61
C VAL A 56 9.03 -17.53 2.85
N ALA A 57 9.43 -16.44 3.53
CA ALA A 57 8.87 -16.07 4.83
C ALA A 57 7.91 -14.88 4.70
N SER A 58 6.69 -15.04 5.19
CA SER A 58 5.71 -13.96 5.19
C SER A 58 5.88 -12.97 6.35
N SER A 59 6.86 -13.15 7.23
CA SER A 59 7.14 -12.13 8.23
C SER A 59 8.56 -12.28 8.73
N LYS A 60 9.05 -11.22 9.37
CA LYS A 60 10.40 -11.30 9.95
C LYS A 60 10.43 -12.30 11.10
N ALA A 61 9.34 -12.39 11.87
CA ALA A 61 9.26 -13.38 12.94
C ALA A 61 9.34 -14.78 12.36
N THR A 62 8.51 -15.07 11.36
CA THR A 62 8.59 -16.36 10.69
C THR A 62 9.99 -16.62 10.14
N GLU A 63 10.63 -15.59 9.58
CA GLU A 63 11.98 -15.79 9.06
C GLU A 63 12.96 -16.19 10.17
N ALA A 64 12.87 -15.53 11.33
CA ALA A 64 13.77 -15.87 12.44
C ALA A 64 13.56 -17.30 12.89
N LEU A 65 12.30 -17.74 12.95
CA LEU A 65 12.01 -19.11 13.38
CA LEU A 65 12.00 -19.12 13.38
C LEU A 65 12.53 -20.14 12.37
N LEU A 66 12.36 -19.86 11.08
CA LEU A 66 12.91 -20.74 10.05
C LEU A 66 14.43 -20.82 10.14
N ARG A 67 15.09 -19.68 10.33
CA ARG A 67 16.55 -19.71 10.35
C ARG A 67 17.05 -20.40 11.61
N ALA A 68 16.31 -20.29 12.72
CA ALA A 68 16.69 -20.98 13.94
C ALA A 68 16.65 -22.50 13.75
N GLU A 69 15.79 -22.99 12.86
CA GLU A 69 15.76 -24.42 12.55
C GLU A 69 16.78 -24.83 11.50
N GLY A 70 17.58 -23.90 10.98
CA GLY A 70 18.46 -24.24 9.89
C GLY A 70 17.78 -24.43 8.55
N ILE A 71 16.55 -23.95 8.39
CA ILE A 71 15.87 -24.07 7.09
C ILE A 71 16.29 -22.90 6.21
N PRO A 72 16.76 -23.14 4.98
CA PRO A 72 17.15 -22.00 4.14
C PRO A 72 15.93 -21.13 3.80
N VAL A 73 16.16 -19.83 3.84
CA VAL A 73 15.16 -18.82 3.54
C VAL A 73 15.63 -18.02 2.35
N ILE A 74 14.73 -17.73 1.42
CA ILE A 74 15.12 -16.98 0.23
C ILE A 74 14.12 -15.87 -0.01
N ASP A 75 14.58 -14.83 -0.72
CA ASP A 75 13.73 -13.69 -1.01
C ASP A 75 12.72 -14.03 -2.09
N LEU A 76 11.49 -13.53 -1.93
CA LEU A 76 10.43 -13.83 -2.89
C LEU A 76 10.81 -13.39 -4.31
N ASN A 77 11.55 -12.29 -4.42
CA ASN A 77 11.97 -11.80 -5.73
C ASN A 77 12.91 -12.75 -6.45
N SER A 78 13.56 -13.67 -5.72
CA SER A 78 14.39 -14.67 -6.36
CA SER A 78 14.39 -14.69 -6.34
C SER A 78 13.60 -15.91 -6.75
N VAL A 79 12.27 -15.87 -6.60
CA VAL A 79 11.37 -16.99 -6.89
C VAL A 79 10.34 -16.54 -7.91
N GLN A 80 10.11 -17.36 -8.93
CA GLN A 80 8.94 -17.21 -9.79
C GLN A 80 7.91 -18.32 -9.60
N ASP A 81 8.34 -19.51 -9.19
CA ASP A 81 7.46 -20.66 -9.03
CA ASP A 81 7.46 -20.67 -9.03
C ASP A 81 7.47 -21.09 -7.57
N LEU A 82 6.34 -20.89 -6.90
CA LEU A 82 6.16 -21.25 -5.49
C LEU A 82 5.02 -22.26 -5.41
N PRO A 83 5.31 -23.57 -5.30
CA PRO A 83 4.21 -24.54 -5.44
C PRO A 83 3.24 -24.52 -4.27
N ILE A 84 3.67 -24.16 -3.07
CA ILE A 84 2.84 -24.30 -1.88
C ILE A 84 3.05 -23.11 -0.95
N TYR A 85 1.96 -22.64 -0.35
CA TYR A 85 1.98 -21.66 0.72
C TYR A 85 1.13 -22.23 1.84
N VAL A 86 1.68 -22.33 3.05
CA VAL A 86 0.97 -22.85 4.21
C VAL A 86 0.81 -21.73 5.24
N ASP A 87 -0.42 -21.47 5.67
CA ASP A 87 -0.66 -20.34 6.56
C ASP A 87 -1.92 -20.62 7.36
N GLY A 88 -2.04 -19.94 8.49
CA GLY A 88 -3.25 -19.97 9.28
C GLY A 88 -4.21 -18.88 8.84
N ALA A 89 -5.26 -18.70 9.63
CA ALA A 89 -6.24 -17.64 9.39
C ALA A 89 -6.99 -17.36 10.69
N ASP A 90 -7.53 -16.15 10.79
CA ASP A 90 -8.36 -15.82 11.95
C ASP A 90 -9.79 -16.32 11.76
N GLU A 91 -10.31 -16.24 10.55
CA GLU A 91 -11.54 -16.91 10.18
C GLU A 91 -11.36 -17.53 8.81
N VAL A 92 -12.03 -18.66 8.59
CA VAL A 92 -12.07 -19.29 7.27
C VAL A 92 -13.42 -19.96 7.12
N ASN A 93 -13.99 -19.93 5.91
CA ASN A 93 -15.24 -20.63 5.61
C ASN A 93 -14.98 -21.72 4.56
N GLU A 94 -16.02 -22.50 4.28
CA GLU A 94 -15.85 -23.64 3.40
C GLU A 94 -15.52 -23.23 1.97
N ARG A 95 -15.80 -21.98 1.59
CA ARG A 95 -15.39 -21.50 0.28
C ARG A 95 -13.89 -21.21 0.22
N GLY A 96 -13.22 -21.16 1.37
CA GLY A 96 -11.84 -20.77 1.42
C GLY A 96 -11.61 -19.28 1.50
N GLU A 97 -12.65 -18.49 1.69
CA GLU A 97 -12.46 -17.09 2.01
C GLU A 97 -11.99 -16.97 3.44
N MET A 98 -11.14 -16.00 3.72
CA MET A 98 -10.51 -15.86 5.03
C MET A 98 -10.50 -14.41 5.48
N ILE A 99 -10.48 -14.23 6.80
CA ILE A 99 -10.01 -12.99 7.40
C ILE A 99 -8.69 -13.30 8.08
N LYS A 100 -7.64 -12.59 7.69
CA LYS A 100 -6.31 -12.73 8.24
C LYS A 100 -5.86 -11.39 8.81
N GLY A 101 -4.68 -11.40 9.44
CA GLY A 101 -4.07 -10.18 9.93
C GLY A 101 -4.16 -9.96 11.43
N GLY A 102 -4.76 -10.87 12.19
CA GLY A 102 -4.70 -10.77 13.64
C GLY A 102 -3.29 -10.57 14.14
N GLY A 103 -2.33 -11.26 13.53
CA GLY A 103 -0.95 -11.11 13.92
C GLY A 103 -0.21 -9.98 13.23
N GLY A 104 -0.89 -9.23 12.36
CA GLY A 104 -0.29 -8.04 11.78
C GLY A 104 0.57 -8.27 10.55
N ALA A 105 0.59 -9.48 9.98
CA ALA A 105 1.47 -9.77 8.85
C ALA A 105 0.71 -9.90 7.54
N LEU A 106 -0.54 -9.43 7.49
CA LEU A 106 -1.43 -9.68 6.36
C LEU A 106 -0.87 -9.17 5.02
N THR A 107 -0.01 -8.15 5.03
CA THR A 107 0.46 -7.60 3.76
C THR A 107 1.40 -8.57 3.06
N ARG A 108 2.50 -8.94 3.71
CA ARG A 108 3.39 -9.92 3.09
C ARG A 108 2.70 -11.28 2.93
N GLU A 109 1.81 -11.64 3.86
CA GLU A 109 1.04 -12.88 3.70
C GLU A 109 0.29 -12.88 2.36
N LYS A 110 -0.41 -11.78 2.04
CA LYS A 110 -1.19 -11.77 0.80
C LYS A 110 -0.27 -11.82 -0.42
N ILE A 111 0.89 -11.19 -0.33
CA ILE A 111 1.85 -11.17 -1.42
C ILE A 111 2.39 -12.57 -1.68
N VAL A 112 2.87 -13.25 -0.65
CA VAL A 112 3.38 -14.61 -0.85
C VAL A 112 2.26 -15.51 -1.34
N ALA A 113 1.08 -15.40 -0.74
CA ALA A 113 -0.03 -16.25 -1.14
C ALA A 113 -0.36 -16.07 -2.61
N ASN A 114 -0.16 -14.87 -3.16
CA ASN A 114 -0.49 -14.64 -4.55
C ASN A 114 0.58 -15.17 -5.49
N VAL A 115 1.84 -15.27 -5.04
CA VAL A 115 2.84 -15.92 -5.89
C VAL A 115 2.66 -17.43 -5.85
N ALA A 116 2.15 -17.97 -4.75
CA ALA A 116 2.07 -19.43 -4.60
C ALA A 116 0.96 -20.03 -5.44
N THR A 117 1.22 -21.22 -5.97
CA THR A 117 0.22 -21.95 -6.74
C THR A 117 -0.87 -22.51 -5.84
N GLN A 118 -0.49 -23.14 -4.73
CA GLN A 118 -1.45 -23.82 -3.85
C GLN A 118 -1.36 -23.23 -2.45
N PHE A 119 -2.49 -22.72 -1.96
CA PHE A 119 -2.60 -22.11 -0.63
C PHE A 119 -3.24 -23.14 0.30
N ILE A 120 -2.46 -23.65 1.24
CA ILE A 120 -2.96 -24.55 2.28
C ILE A 120 -3.23 -23.75 3.54
N CYS A 121 -4.49 -23.67 3.95
CA CYS A 121 -4.86 -23.02 5.21
C CYS A 121 -4.98 -24.08 6.31
N ILE A 122 -4.27 -23.86 7.42
CA ILE A 122 -4.26 -24.81 8.55
C ILE A 122 -4.89 -24.12 9.75
N VAL A 123 -5.92 -24.73 10.32
CA VAL A 123 -6.64 -24.13 11.44
C VAL A 123 -7.11 -25.23 12.39
N ASP A 124 -7.28 -24.86 13.65
CA ASP A 124 -8.14 -25.65 14.50
C ASP A 124 -9.60 -25.25 14.25
N GLU A 125 -10.52 -26.04 14.80
CA GLU A 125 -11.94 -25.90 14.46
C GLU A 125 -12.52 -24.56 14.89
N SER A 126 -11.92 -23.86 15.84
CA SER A 126 -12.50 -22.59 16.28
C SER A 126 -12.40 -21.49 15.21
N LYS A 127 -11.54 -21.66 14.20
CA LYS A 127 -11.44 -20.64 13.15
C LYS A 127 -12.49 -20.80 12.06
N VAL A 128 -13.26 -21.87 12.05
CA VAL A 128 -14.21 -22.12 10.98
C VAL A 128 -15.51 -21.40 11.29
N VAL A 129 -15.99 -20.62 10.32
CA VAL A 129 -17.20 -19.82 10.48
C VAL A 129 -18.10 -20.10 9.28
N LYS A 130 -19.42 -20.02 9.50
CA LYS A 130 -20.36 -20.08 8.39
C LYS A 130 -20.33 -18.78 7.57
N ARG A 131 -20.28 -17.64 8.25
CA ARG A 131 -20.20 -16.33 7.58
C ARG A 131 -19.04 -15.53 8.15
N LEU A 132 -18.23 -14.95 7.26
CA LEU A 132 -17.14 -14.08 7.69
C LEU A 132 -17.67 -12.79 8.29
N GLY A 133 -16.88 -12.21 9.20
CA GLY A 133 -17.17 -10.85 9.60
C GLY A 133 -17.10 -10.54 11.08
N GLU A 134 -17.16 -11.54 11.96
CA GLU A 134 -17.12 -11.28 13.40
C GLU A 134 -15.73 -10.82 13.83
N PHE A 135 -14.70 -11.55 13.45
CA PHE A 135 -13.34 -11.08 13.67
C PHE A 135 -13.09 -9.81 12.85
N PRO A 136 -12.38 -8.83 13.39
CA PRO A 136 -12.16 -7.58 12.65
C PRO A 136 -11.18 -7.75 11.49
N VAL A 137 -11.21 -6.79 10.57
CA VAL A 137 -10.30 -6.74 9.43
C VAL A 137 -9.15 -5.80 9.76
N ALA A 138 -7.94 -6.35 9.83
CA ALA A 138 -6.75 -5.52 9.95
C ALA A 138 -6.46 -4.82 8.64
N VAL A 139 -6.26 -3.50 8.70
CA VAL A 139 -5.89 -2.69 7.55
C VAL A 139 -4.55 -2.01 7.85
N GLU A 140 -3.57 -2.25 7.01
CA GLU A 140 -2.26 -1.64 7.17
C GLU A 140 -2.27 -0.29 6.48
N VAL A 141 -1.79 0.74 7.19
CA VAL A 141 -1.98 2.12 6.79
C VAL A 141 -0.66 2.85 6.90
N ILE A 142 -0.33 3.65 5.88
CA ILE A 142 0.79 4.58 5.96
C ILE A 142 0.59 5.45 7.21
N PRO A 143 1.58 5.57 8.10
CA PRO A 143 1.32 6.25 9.40
C PRO A 143 0.77 7.68 9.29
N MET A 144 1.27 8.52 8.39
CA MET A 144 0.74 9.87 8.32
CA MET A 144 0.75 9.87 8.29
C MET A 144 -0.64 9.93 7.68
N ALA A 145 -1.15 8.83 7.15
CA ALA A 145 -2.50 8.76 6.58
C ALA A 145 -3.53 8.20 7.55
N ARG A 146 -3.13 7.93 8.80
CA ARG A 146 -3.99 7.21 9.73
CA ARG A 146 -3.99 7.21 9.73
C ARG A 146 -5.37 7.87 9.86
N SER A 147 -5.41 9.14 10.24
CA SER A 147 -6.69 9.78 10.50
CA SER A 147 -6.69 9.78 10.50
C SER A 147 -7.53 9.88 9.25
N PHE A 148 -6.91 10.16 8.10
CA PHE A 148 -7.65 10.21 6.84
C PHE A 148 -8.26 8.85 6.51
N VAL A 149 -7.47 7.78 6.58
CA VAL A 149 -7.97 6.45 6.24
C VAL A 149 -9.11 6.05 7.18
N ALA A 150 -8.97 6.33 8.48
CA ALA A 150 -10.04 6.00 9.41
C ALA A 150 -11.33 6.72 9.04
N ARG A 151 -11.24 7.97 8.61
CA ARG A 151 -12.43 8.69 8.16
C ARG A 151 -13.06 8.00 6.96
N GLN A 152 -12.23 7.55 6.02
CA GLN A 152 -12.75 6.86 4.83
C GLN A 152 -13.36 5.52 5.19
N ILE A 153 -12.77 4.81 6.14
CA ILE A 153 -13.31 3.52 6.58
CA ILE A 153 -13.32 3.53 6.54
C ILE A 153 -14.68 3.72 7.21
N VAL A 154 -14.82 4.75 8.04
CA VAL A 154 -16.11 5.03 8.67
C VAL A 154 -17.17 5.27 7.60
N LYS A 155 -16.81 5.98 6.53
CA LYS A 155 -17.76 6.19 5.43
C LYS A 155 -18.18 4.86 4.82
N LEU A 156 -17.30 3.87 4.80
CA LEU A 156 -17.66 2.54 4.34
C LEU A 156 -18.48 1.76 5.35
N GLY A 157 -18.79 2.35 6.50
CA GLY A 157 -19.55 1.66 7.52
C GLY A 157 -18.72 0.77 8.41
N GLY A 158 -17.40 0.98 8.47
CA GLY A 158 -16.55 0.28 9.39
C GLY A 158 -16.23 1.11 10.63
N ASP A 159 -15.86 0.42 11.70
CA ASP A 159 -15.42 1.08 12.94
CA ASP A 159 -15.42 1.09 12.93
C ASP A 159 -13.95 0.77 13.17
N PRO A 160 -13.04 1.71 12.84
CA PRO A 160 -11.61 1.42 12.96
C PRO A 160 -11.02 1.73 14.34
N GLU A 161 -10.18 0.80 14.81
CA GLU A 161 -9.51 0.90 16.11
C GLU A 161 -8.02 0.77 15.86
N TYR A 162 -7.27 1.85 16.12
CA TYR A 162 -5.82 1.83 15.98
C TYR A 162 -5.20 0.80 16.93
N ARG A 163 -4.37 -0.08 16.39
CA ARG A 163 -3.69 -1.08 17.21
C ARG A 163 -2.52 -0.38 17.90
N GLU A 164 -2.74 0.04 19.14
CA GLU A 164 -1.78 0.88 19.86
C GLU A 164 -0.42 0.23 19.96
N GLY A 165 0.61 1.00 19.60
CA GLY A 165 1.98 0.61 19.80
C GLY A 165 2.54 -0.38 18.80
N PHE A 166 1.74 -0.86 17.86
CA PHE A 166 2.19 -1.87 16.91
C PHE A 166 2.68 -1.23 15.63
N VAL A 167 3.80 -1.72 15.13
CA VAL A 167 4.33 -1.35 13.82
C VAL A 167 4.53 -2.64 13.01
N THR A 168 4.07 -2.65 11.76
CA THR A 168 4.23 -3.86 10.93
C THR A 168 5.69 -4.02 10.49
N ASP A 169 5.97 -5.20 9.92
CA ASP A 169 7.26 -5.45 9.28
C ASP A 169 7.61 -4.39 8.24
N ASN A 170 6.63 -3.70 7.71
CA ASN A 170 6.83 -2.71 6.66
C ASN A 170 6.85 -1.30 7.19
N GLY A 171 6.89 -1.13 8.52
CA GLY A 171 6.93 0.17 9.13
C GLY A 171 5.62 0.91 9.21
N ASN A 172 4.48 0.24 9.00
CA ASN A 172 3.18 0.90 9.01
C ASN A 172 2.40 0.57 10.28
N ILE A 173 1.24 1.20 10.43
CA ILE A 173 0.36 0.93 11.55
C ILE A 173 -0.80 0.08 11.06
N ILE A 174 -1.59 -0.42 12.00
CA ILE A 174 -2.77 -1.22 11.70
C ILE A 174 -3.98 -0.52 12.30
N LEU A 175 -5.03 -0.38 11.49
CA LEU A 175 -6.38 -0.14 11.99
C LEU A 175 -7.14 -1.46 11.91
N ASP A 176 -7.62 -1.95 13.06
CA ASP A 176 -8.48 -3.12 13.09
C ASP A 176 -9.92 -2.65 12.96
N VAL A 177 -10.61 -3.12 11.92
CA VAL A 177 -11.90 -2.56 11.51
C VAL A 177 -12.99 -3.56 11.83
N PHE A 178 -13.99 -3.12 12.59
CA PHE A 178 -15.16 -3.90 12.96
C PHE A 178 -16.38 -3.45 12.15
N ASN A 179 -17.33 -4.38 11.97
CA ASN A 179 -18.67 -4.12 11.44
C ASN A 179 -18.73 -3.88 9.92
N LEU A 180 -17.73 -4.27 9.15
CA LEU A 180 -17.87 -4.20 7.70
C LEU A 180 -18.85 -5.27 7.20
N SER A 181 -19.49 -4.98 6.09
CA SER A 181 -20.39 -5.95 5.46
C SER A 181 -19.59 -6.87 4.54
N PHE A 182 -19.88 -8.17 4.61
CA PHE A 182 -19.22 -9.16 3.76
C PHE A 182 -20.18 -9.73 2.71
N SER A 183 -21.21 -8.96 2.36
CA SER A 183 -22.13 -9.38 1.31
C SER A 183 -21.41 -9.62 0.00
N THR A 184 -20.45 -8.76 -0.33
CA THR A 184 -19.64 -8.88 -1.55
C THR A 184 -18.19 -8.72 -1.14
N PRO A 185 -17.55 -9.80 -0.69
CA PRO A 185 -16.24 -9.65 -0.03
C PRO A 185 -15.10 -9.28 -0.98
N MET A 186 -15.17 -9.68 -2.25
CA MET A 186 -14.15 -9.22 -3.20
C MET A 186 -14.25 -7.71 -3.41
N ALA A 187 -15.48 -7.21 -3.58
CA ALA A 187 -15.67 -5.77 -3.73
C ALA A 187 -15.24 -5.04 -2.46
N LEU A 188 -15.48 -5.65 -1.30
CA LEU A 188 -15.05 -5.02 -0.05
C LEU A 188 -13.53 -4.94 0.04
N GLU A 189 -12.85 -6.03 -0.33
CA GLU A 189 -11.39 -6.06 -0.29
C GLU A 189 -10.79 -4.97 -1.18
N ASP A 190 -11.32 -4.83 -2.41
CA ASP A 190 -10.86 -3.75 -3.30
C ASP A 190 -11.16 -2.38 -2.70
N SER A 191 -12.36 -2.18 -2.14
CA SER A 191 -12.77 -0.86 -1.67
C SER A 191 -11.84 -0.33 -0.58
N LEU A 192 -11.33 -1.22 0.26
CA LEU A 192 -10.33 -0.83 1.24
C LEU A 192 -9.02 -0.45 0.56
N ASN A 193 -8.55 -1.32 -0.34
CA ASN A 193 -7.23 -1.14 -0.93
C ASN A 193 -7.15 0.09 -1.83
N VAL A 194 -8.27 0.54 -2.43
CA VAL A 194 -8.18 1.73 -3.28
C VAL A 194 -8.12 3.03 -2.48
N ILE A 195 -8.21 2.96 -1.16
CA ILE A 195 -8.17 4.19 -0.34
C ILE A 195 -6.73 4.67 -0.26
N PRO A 196 -6.45 5.93 -0.59
CA PRO A 196 -5.07 6.43 -0.48
C PRO A 196 -4.56 6.27 0.94
N GLY A 197 -3.37 5.68 1.06
CA GLY A 197 -2.79 5.38 2.36
C GLY A 197 -3.05 3.95 2.86
N VAL A 198 -3.99 3.23 2.26
CA VAL A 198 -4.15 1.82 2.62
C VAL A 198 -3.12 1.02 1.84
N VAL A 199 -2.31 0.26 2.55
CA VAL A 199 -1.33 -0.61 1.93
C VAL A 199 -1.93 -1.95 1.55
N GLU A 200 -2.71 -2.53 2.46
CA GLU A 200 -3.33 -3.84 2.26
C GLU A 200 -4.34 -4.05 3.37
N ASN A 201 -5.21 -5.05 3.22
CA ASN A 201 -6.16 -5.39 4.28
C ASN A 201 -6.29 -6.89 4.40
N GLY A 202 -6.80 -7.32 5.54
CA GLY A 202 -6.87 -8.72 5.89
C GLY A 202 -8.00 -9.53 5.27
N VAL A 203 -8.83 -8.94 4.40
CA VAL A 203 -9.83 -9.73 3.69
C VAL A 203 -9.13 -10.54 2.61
N PHE A 204 -9.25 -11.86 2.67
CA PHE A 204 -8.75 -12.73 1.62
C PHE A 204 -9.95 -13.32 0.88
N ALA A 205 -10.52 -12.52 -0.04
CA ALA A 205 -11.62 -12.98 -0.86
C ALA A 205 -11.25 -13.18 -2.32
N LYS A 206 -10.16 -12.56 -2.79
CA LYS A 206 -9.75 -12.72 -4.17
C LYS A 206 -8.73 -13.83 -4.35
N ARG A 207 -7.94 -14.08 -3.31
CA ARG A 207 -7.01 -15.20 -3.23
C ARG A 207 -7.55 -16.10 -2.14
N LEU A 208 -8.29 -17.15 -2.52
CA LEU A 208 -8.86 -18.08 -1.56
C LEU A 208 -7.83 -19.10 -1.12
N ALA A 209 -8.13 -19.78 -0.01
CA ALA A 209 -7.43 -21.02 0.30
C ALA A 209 -7.84 -22.10 -0.70
N ASP A 210 -6.85 -22.82 -1.22
CA ASP A 210 -7.16 -23.96 -2.08
C ASP A 210 -7.53 -25.18 -1.27
N LYS A 211 -6.96 -25.33 -0.08
CA LYS A 211 -7.36 -26.37 0.82
C LYS A 211 -7.41 -25.80 2.22
N VAL A 212 -8.38 -26.27 3.00
CA VAL A 212 -8.59 -25.84 4.37
C VAL A 212 -8.59 -27.11 5.22
N LEU A 213 -7.54 -27.28 6.02
CA LEU A 213 -7.39 -28.45 6.87
C LEU A 213 -7.77 -28.06 8.29
N VAL A 214 -8.82 -28.67 8.81
CA VAL A 214 -9.41 -28.29 10.10
C VAL A 214 -9.15 -29.41 11.10
N ALA A 215 -8.49 -29.07 12.21
CA ALA A 215 -8.19 -30.03 13.26
C ALA A 215 -9.21 -29.94 14.37
N SER A 216 -9.67 -31.10 14.84
CA SER A 216 -10.58 -31.22 15.97
C SER A 216 -10.15 -32.45 16.76
N ALA A 217 -10.97 -32.83 17.74
CA ALA A 217 -10.67 -34.04 18.51
C ALA A 217 -10.72 -35.28 17.64
N SER A 218 -11.60 -35.30 16.64
CA SER A 218 -11.73 -36.49 15.79
C SER A 218 -10.53 -36.66 14.86
N GLY A 219 -9.88 -35.57 14.48
CA GLY A 219 -8.78 -35.63 13.55
C GLY A 219 -8.75 -34.36 12.73
N VAL A 220 -8.16 -34.45 11.54
CA VAL A 220 -8.09 -33.33 10.60
C VAL A 220 -9.06 -33.59 9.46
N ASN A 221 -9.94 -32.63 9.21
CA ASN A 221 -10.92 -32.71 8.13
C ASN A 221 -10.58 -31.70 7.04
N ASN A 222 -10.56 -32.16 5.79
CA ASN A 222 -10.39 -31.27 4.64
C ASN A 222 -11.73 -30.58 4.39
N LEU A 223 -11.96 -29.46 5.09
CA LEU A 223 -13.12 -28.63 4.79
C LEU A 223 -13.17 -28.26 3.31
N LYS A 224 -12.00 -28.05 2.70
CA LYS A 224 -11.89 -27.79 1.28
C LYS A 224 -10.64 -28.48 0.75
N HIS B 8 13.45 29.72 -20.46
CA HIS B 8 13.96 29.55 -19.09
C HIS B 8 12.88 28.89 -18.25
N MET B 9 12.93 27.56 -18.17
CA MET B 9 11.90 26.83 -17.44
C MET B 9 11.82 27.27 -15.99
N SER B 10 12.95 27.62 -15.40
CA SER B 10 12.97 28.07 -14.01
C SER B 10 12.13 29.33 -13.84
N GLU B 11 12.33 30.30 -14.74
CA GLU B 11 11.50 31.51 -14.71
C GLU B 11 10.02 31.17 -14.79
N LEU B 12 9.65 30.26 -15.69
CA LEU B 12 8.25 29.84 -15.77
C LEU B 12 7.79 29.23 -14.45
N LYS B 13 8.59 28.32 -13.87
CA LYS B 13 8.19 27.70 -12.62
C LYS B 13 7.99 28.74 -11.53
N ILE B 14 8.87 29.76 -11.47
CA ILE B 14 8.70 30.85 -10.51
C ILE B 14 7.37 31.58 -10.75
N LYS B 15 7.03 31.87 -12.00
CA LYS B 15 5.76 32.53 -12.29
C LYS B 15 4.58 31.72 -11.75
N ALA B 16 4.55 30.41 -12.06
CA ALA B 16 3.48 29.56 -11.56
C ALA B 16 3.44 29.56 -10.03
N ALA B 17 4.61 29.48 -9.40
CA ALA B 17 4.69 29.53 -7.94
C ALA B 17 4.07 30.81 -7.39
N LYS B 18 4.45 31.96 -7.96
CA LYS B 18 3.89 33.22 -7.49
C LYS B 18 2.39 33.27 -7.69
N ALA B 19 1.89 32.68 -8.78
CA ALA B 19 0.45 32.71 -9.02
C ALA B 19 -0.31 31.91 -7.97
N ALA B 20 0.31 30.86 -7.42
CA ALA B 20 -0.36 30.09 -6.38
C ALA B 20 -0.38 30.84 -5.05
N ILE B 21 0.63 31.68 -4.81
CA ILE B 21 0.69 32.47 -3.58
C ILE B 21 -0.57 33.31 -3.43
N ALA B 22 -1.17 33.73 -4.54
CA ALA B 22 -2.37 34.56 -4.47
C ALA B 22 -3.56 33.83 -3.86
N TYR B 23 -3.49 32.51 -3.73
CA TYR B 23 -4.58 31.77 -3.09
C TYR B 23 -4.38 31.56 -1.59
N ILE B 24 -3.25 31.99 -1.02
CA ILE B 24 -2.96 31.75 0.39
C ILE B 24 -3.61 32.84 1.24
N GLU B 25 -4.60 32.46 2.03
CA GLU B 25 -5.27 33.38 2.93
C GLU B 25 -4.61 33.34 4.30
N ASP B 26 -4.97 34.31 5.15
CA ASP B 26 -4.38 34.37 6.48
C ASP B 26 -4.87 33.20 7.34
N ASP B 27 -3.98 32.71 8.20
CA ASP B 27 -4.27 31.68 9.19
C ASP B 27 -4.62 30.33 8.58
N MET B 28 -4.19 30.07 7.35
CA MET B 28 -4.40 28.80 6.69
C MET B 28 -3.30 27.79 7.06
N VAL B 29 -3.67 26.53 7.13
CA VAL B 29 -2.72 25.44 7.06
C VAL B 29 -2.58 25.08 5.60
N ILE B 30 -1.34 25.00 5.11
CA ILE B 30 -1.06 24.85 3.69
C ILE B 30 -0.37 23.52 3.46
N GLY B 31 -1.00 22.65 2.67
CA GLY B 31 -0.33 21.44 2.23
C GLY B 31 0.62 21.76 1.07
N VAL B 32 1.80 21.16 1.12
CA VAL B 32 2.88 21.49 0.20
C VAL B 32 3.34 20.22 -0.50
N GLY B 33 3.33 20.25 -1.84
CA GLY B 33 3.78 19.13 -2.64
C GLY B 33 5.28 18.92 -2.66
N THR B 34 5.77 18.30 -3.74
CA THR B 34 7.18 17.97 -3.90
CA THR B 34 7.20 18.04 -3.89
C THR B 34 7.63 18.31 -5.32
N GLY B 35 8.92 18.60 -5.50
CA GLY B 35 9.51 18.77 -6.80
C GLY B 35 10.01 20.20 -7.02
N SER B 36 10.53 20.41 -8.24
CA SER B 36 11.27 21.65 -8.47
C SER B 36 10.32 22.84 -8.53
N THR B 37 9.14 22.67 -9.12
CA THR B 37 8.21 23.80 -9.16
C THR B 37 7.74 24.16 -7.76
N VAL B 38 7.44 23.15 -6.94
CA VAL B 38 7.03 23.40 -5.56
C VAL B 38 8.14 24.06 -4.77
N ASN B 39 9.40 23.70 -5.06
CA ASN B 39 10.50 24.29 -4.31
C ASN B 39 10.62 25.78 -4.58
N PHE B 40 10.26 26.25 -5.77
CA PHE B 40 10.17 27.70 -5.97
C PHE B 40 9.01 28.28 -5.17
N PHE B 41 7.90 27.56 -5.07
CA PHE B 41 6.79 28.00 -4.24
C PHE B 41 7.17 28.03 -2.77
N ILE B 42 8.03 27.11 -2.33
CA ILE B 42 8.48 27.15 -0.94
C ILE B 42 9.24 28.44 -0.68
N LYS B 43 10.05 28.89 -1.63
CA LYS B 43 10.74 30.17 -1.45
C LYS B 43 9.74 31.32 -1.38
N GLU B 44 8.67 31.25 -2.16
CA GLU B 44 7.64 32.29 -2.09
C GLU B 44 6.93 32.24 -0.74
N LEU B 45 6.65 31.04 -0.23
CA LEU B 45 5.99 30.90 1.05
C LEU B 45 6.79 31.56 2.16
N ALA B 46 8.12 31.43 2.10
CA ALA B 46 8.99 32.03 3.10
C ALA B 46 8.76 33.53 3.21
N ALA B 47 8.47 34.19 2.08
CA ALA B 47 8.26 35.64 2.10
C ALA B 47 6.94 36.03 2.76
N ILE B 48 6.05 35.08 3.02
CA ILE B 48 4.78 35.39 3.67
C ILE B 48 4.57 34.49 4.88
N LYS B 49 5.68 34.09 5.52
CA LYS B 49 5.66 33.30 6.74
C LYS B 49 4.70 33.86 7.79
N HIS B 50 4.64 35.20 7.90
CA HIS B 50 3.79 35.83 8.90
C HIS B 50 2.31 35.52 8.71
N LYS B 51 1.92 35.11 7.50
CA LYS B 51 0.53 34.89 7.12
C LYS B 51 0.10 33.45 7.29
N ILE B 52 1.06 32.54 7.50
CA ILE B 52 0.85 31.10 7.52
C ILE B 52 0.66 30.64 8.96
N GLU B 53 -0.31 29.75 9.18
CA GLU B 53 -0.33 29.01 10.44
C GLU B 53 0.75 27.95 10.44
N ALA B 54 0.69 27.02 9.49
CA ALA B 54 1.64 25.93 9.38
C ALA B 54 1.46 25.25 8.03
N CYS B 55 2.42 24.39 7.69
CA CYS B 55 2.36 23.61 6.46
C CYS B 55 2.34 22.13 6.77
N VAL B 56 1.68 21.37 5.91
CA VAL B 56 1.78 19.91 5.89
C VAL B 56 2.70 19.53 4.73
N ALA B 57 3.66 18.64 4.97
CA ALA B 57 4.66 18.28 3.96
C ALA B 57 4.36 16.93 3.34
N SER B 58 4.41 16.87 2.02
CA SER B 58 4.17 15.63 1.29
CA SER B 58 4.17 15.63 1.29
C SER B 58 5.41 14.76 1.11
N SER B 59 6.58 15.22 1.56
CA SER B 59 7.78 14.40 1.50
C SER B 59 8.73 14.85 2.60
N LYS B 60 9.68 13.98 2.93
CA LYS B 60 10.72 14.38 3.87
C LYS B 60 11.57 15.51 3.30
N ALA B 61 11.82 15.48 1.99
CA ALA B 61 12.60 16.57 1.38
C ALA B 61 11.87 17.90 1.50
N THR B 62 10.57 17.91 1.23
CA THR B 62 9.80 19.13 1.35
C THR B 62 9.77 19.62 2.80
N GLU B 63 9.66 18.68 3.74
CA GLU B 63 9.74 19.06 5.16
C GLU B 63 11.08 19.71 5.47
N ALA B 64 12.17 19.16 4.96
CA ALA B 64 13.47 19.74 5.24
C ALA B 64 13.58 21.14 4.66
N LEU B 65 13.04 21.36 3.44
CA LEU B 65 13.09 22.68 2.83
C LEU B 65 12.22 23.67 3.58
N LEU B 66 11.03 23.25 4.02
CA LEU B 66 10.17 24.13 4.82
C LEU B 66 10.82 24.50 6.15
N ARG B 67 11.33 23.49 6.87
CA ARG B 67 11.95 23.79 8.16
C ARG B 67 13.16 24.71 7.98
N ALA B 68 13.88 24.56 6.88
CA ALA B 68 15.06 25.39 6.69
C ALA B 68 14.70 26.86 6.47
N GLU B 69 13.50 27.14 5.98
CA GLU B 69 13.02 28.52 5.86
C GLU B 69 12.36 29.02 7.15
N GLY B 70 12.33 28.20 8.20
CA GLY B 70 11.64 28.61 9.40
C GLY B 70 10.14 28.56 9.30
N ILE B 71 9.61 27.75 8.38
CA ILE B 71 8.15 27.62 8.21
C ILE B 71 7.69 26.48 9.10
N PRO B 72 6.69 26.68 9.97
CA PRO B 72 6.27 25.59 10.87
C PRO B 72 5.62 24.46 10.09
N VAL B 73 5.92 23.24 10.51
CA VAL B 73 5.42 22.01 9.91
C VAL B 73 4.60 21.27 10.95
N ILE B 74 3.43 20.79 10.56
CA ILE B 74 2.61 19.98 11.44
C ILE B 74 2.27 18.65 10.78
N ASP B 75 2.05 17.64 11.60
CA ASP B 75 1.71 16.32 11.10
C ASP B 75 0.28 16.28 10.59
N LEU B 76 0.07 15.55 9.48
CA LEU B 76 -1.26 15.51 8.84
C LEU B 76 -2.33 14.93 9.75
N ASN B 77 -1.95 14.00 10.64
CA ASN B 77 -2.93 13.41 11.54
C ASN B 77 -3.52 14.43 12.51
N SER B 78 -2.85 15.55 12.74
CA SER B 78 -3.38 16.57 13.63
CA SER B 78 -3.34 16.59 13.62
C SER B 78 -4.26 17.59 12.92
N VAL B 79 -4.34 17.53 11.60
CA VAL B 79 -5.09 18.49 10.80
C VAL B 79 -6.41 17.88 10.40
N GLN B 80 -7.50 18.59 10.66
CA GLN B 80 -8.80 18.25 10.09
C GLN B 80 -9.19 19.18 8.97
N ASP B 81 -8.87 20.47 9.07
CA ASP B 81 -9.12 21.44 8.02
C ASP B 81 -7.81 21.74 7.31
N LEU B 82 -7.72 21.33 6.05
CA LEU B 82 -6.56 21.61 5.19
C LEU B 82 -7.12 22.32 3.96
N PRO B 83 -7.21 23.65 3.97
CA PRO B 83 -7.97 24.31 2.91
C PRO B 83 -7.29 24.24 1.55
N ILE B 84 -5.96 24.21 1.50
CA ILE B 84 -5.22 24.29 0.24
C ILE B 84 -4.07 23.29 0.22
N TYR B 85 -3.88 22.65 -0.93
CA TYR B 85 -2.68 21.86 -1.25
C TYR B 85 -2.10 22.39 -2.56
N VAL B 86 -0.82 22.73 -2.57
CA VAL B 86 -0.14 23.23 -3.76
C VAL B 86 0.92 22.22 -4.17
N ASP B 87 0.82 21.73 -5.40
CA ASP B 87 1.74 20.68 -5.85
C ASP B 87 1.99 20.84 -7.34
N GLY B 88 3.07 20.21 -7.80
CA GLY B 88 3.37 20.14 -9.22
C GLY B 88 2.80 18.88 -9.84
N ALA B 89 3.20 18.63 -11.07
CA ALA B 89 2.83 17.40 -11.76
C ALA B 89 3.79 17.15 -12.91
N ASP B 90 3.94 15.86 -13.26
CA ASP B 90 4.72 15.52 -14.45
C ASP B 90 3.93 15.75 -15.72
N GLU B 91 2.64 15.41 -15.73
CA GLU B 91 1.71 15.71 -16.80
C GLU B 91 0.41 16.20 -16.20
N VAL B 92 -0.30 17.07 -16.92
CA VAL B 92 -1.62 17.52 -16.49
C VAL B 92 -2.43 17.91 -17.73
N ASN B 93 -3.73 17.64 -17.71
CA ASN B 93 -4.62 18.03 -18.80
C ASN B 93 -5.67 19.01 -18.29
N GLU B 94 -6.43 19.59 -19.21
CA GLU B 94 -7.38 20.62 -18.79
C GLU B 94 -8.45 20.08 -17.87
N ARG B 95 -8.61 18.75 -17.78
CA ARG B 95 -9.56 18.17 -16.86
C ARG B 95 -9.03 18.15 -15.44
N GLY B 96 -7.74 18.37 -15.25
CA GLY B 96 -7.12 18.27 -13.96
C GLY B 96 -6.60 16.91 -13.60
N GLU B 97 -6.71 15.94 -14.51
CA GLU B 97 -6.01 14.68 -14.33
C GLU B 97 -4.52 14.90 -14.47
N MET B 98 -3.74 14.15 -13.68
CA MET B 98 -2.30 14.33 -13.61
C MET B 98 -1.62 12.98 -13.59
N ILE B 99 -0.41 12.95 -14.13
CA ILE B 99 0.57 11.93 -13.77
C ILE B 99 1.58 12.59 -12.83
N LYS B 100 1.86 11.92 -11.71
CA LYS B 100 2.75 12.45 -10.70
C LYS B 100 3.68 11.32 -10.27
N GLY B 101 4.66 11.66 -9.44
CA GLY B 101 5.60 10.67 -8.96
C GLY B 101 6.94 10.62 -9.66
N GLY B 102 7.19 11.50 -10.64
CA GLY B 102 8.54 11.64 -11.16
C GLY B 102 9.56 11.78 -10.05
N GLY B 103 9.23 12.57 -9.02
CA GLY B 103 10.08 12.71 -7.86
C GLY B 103 9.97 11.63 -6.83
N GLY B 104 9.09 10.64 -7.02
CA GLY B 104 9.02 9.51 -6.12
C GLY B 104 8.20 9.72 -4.87
N ALA B 105 7.46 10.82 -4.77
CA ALA B 105 6.76 11.18 -3.53
C ALA B 105 5.26 10.97 -3.65
N LEU B 106 4.82 10.20 -4.65
CA LEU B 106 3.42 10.16 -5.05
C LEU B 106 2.50 9.62 -3.96
N THR B 107 3.00 8.82 -3.02
CA THR B 107 2.11 8.20 -2.04
C THR B 107 1.63 9.23 -1.01
N ARG B 108 2.56 9.93 -0.35
CA ARG B 108 2.13 10.95 0.60
C ARG B 108 1.50 12.16 -0.10
N GLU B 109 1.93 12.46 -1.34
CA GLU B 109 1.26 13.51 -2.11
C GLU B 109 -0.22 13.20 -2.29
N LYS B 110 -0.54 11.97 -2.69
CA LYS B 110 -1.95 11.63 -2.93
C LYS B 110 -2.74 11.68 -1.63
N ILE B 111 -2.13 11.22 -0.53
CA ILE B 111 -2.76 11.26 0.79
C ILE B 111 -3.07 12.71 1.17
N VAL B 112 -2.08 13.59 1.08
CA VAL B 112 -2.33 14.98 1.46
C VAL B 112 -3.34 15.60 0.51
N ALA B 113 -3.21 15.35 -0.80
CA ALA B 113 -4.15 15.88 -1.78
C ALA B 113 -5.57 15.51 -1.43
N ASN B 114 -5.77 14.30 -0.90
CA ASN B 114 -7.12 13.83 -0.60
C ASN B 114 -7.68 14.43 0.68
N VAL B 115 -6.81 14.93 1.58
CA VAL B 115 -7.31 15.62 2.75
C VAL B 115 -7.64 17.07 2.41
N ALA B 116 -6.90 17.66 1.47
CA ALA B 116 -7.06 19.08 1.20
C ALA B 116 -8.37 19.37 0.46
N THR B 117 -8.97 20.52 0.78
CA THR B 117 -10.18 20.97 0.09
C THR B 117 -9.88 21.38 -1.34
N GLN B 118 -8.93 22.28 -1.55
CA GLN B 118 -8.59 22.79 -2.88
C GLN B 118 -7.17 22.38 -3.26
N PHE B 119 -7.04 21.75 -4.43
CA PHE B 119 -5.76 21.27 -4.95
C PHE B 119 -5.36 22.22 -6.08
N ILE B 120 -4.28 22.98 -5.86
CA ILE B 120 -3.74 23.89 -6.87
C ILE B 120 -2.52 23.22 -7.48
N CYS B 121 -2.59 22.94 -8.78
CA CYS B 121 -1.46 22.36 -9.51
C CYS B 121 -0.73 23.47 -10.24
N ILE B 122 0.60 23.55 -10.03
CA ILE B 122 1.43 24.59 -10.65
C ILE B 122 2.43 23.93 -11.60
N VAL B 123 2.46 24.39 -12.84
CA VAL B 123 3.31 23.80 -13.87
C VAL B 123 3.76 24.89 -14.84
N ASP B 124 4.95 24.69 -15.42
CA ASP B 124 5.30 25.36 -16.65
C ASP B 124 4.56 24.70 -17.82
N GLU B 125 4.57 25.39 -18.97
CA GLU B 125 3.77 24.99 -20.13
CA GLU B 125 3.72 24.96 -20.08
C GLU B 125 4.09 23.58 -20.60
N SER B 126 5.31 23.10 -20.39
CA SER B 126 5.69 21.80 -20.95
C SER B 126 4.95 20.64 -20.30
N LYS B 127 4.34 20.83 -19.13
CA LYS B 127 3.64 19.75 -18.45
C LYS B 127 2.22 19.53 -18.97
N VAL B 128 1.74 20.38 -19.88
CA VAL B 128 0.35 20.31 -20.32
C VAL B 128 0.24 19.34 -21.48
N VAL B 129 -0.68 18.38 -21.35
CA VAL B 129 -0.91 17.39 -22.40
C VAL B 129 -2.40 17.33 -22.68
N LYS B 130 -2.72 16.95 -23.91
CA LYS B 130 -4.11 16.65 -24.25
C LYS B 130 -4.50 15.26 -23.80
N ARG B 131 -3.55 14.31 -23.85
CA ARG B 131 -3.80 12.93 -23.47
C ARG B 131 -2.68 12.48 -22.52
N LEU B 132 -3.06 12.06 -21.31
CA LEU B 132 -2.07 11.53 -20.38
C LEU B 132 -1.48 10.24 -20.94
N GLY B 133 -0.20 10.02 -20.63
CA GLY B 133 0.36 8.70 -20.86
C GLY B 133 1.79 8.62 -21.36
N GLU B 134 2.34 9.72 -21.91
CA GLU B 134 3.72 9.67 -22.38
C GLU B 134 4.69 9.56 -21.22
N PHE B 135 4.48 10.34 -20.17
CA PHE B 135 5.33 10.20 -18.99
C PHE B 135 4.94 8.92 -18.24
N PRO B 136 5.90 8.14 -17.76
CA PRO B 136 5.56 6.89 -17.08
C PRO B 136 4.84 7.10 -15.76
N VAL B 137 4.19 6.05 -15.29
CA VAL B 137 3.44 6.05 -14.04
C VAL B 137 4.31 5.40 -12.97
N ALA B 138 4.75 6.19 -11.99
CA ALA B 138 5.47 5.62 -10.85
C ALA B 138 4.51 4.82 -9.98
N VAL B 139 4.87 3.57 -9.69
CA VAL B 139 4.11 2.68 -8.80
C VAL B 139 4.99 2.32 -7.63
N GLU B 140 4.55 2.64 -6.42
CA GLU B 140 5.32 2.33 -5.21
C GLU B 140 4.95 0.92 -4.74
N VAL B 141 5.97 0.10 -4.47
CA VAL B 141 5.82 -1.33 -4.29
C VAL B 141 6.57 -1.80 -3.05
N ILE B 142 5.89 -2.57 -2.20
CA ILE B 142 6.55 -3.30 -1.12
C ILE B 142 7.76 -4.01 -1.68
N PRO B 143 8.98 -3.75 -1.19
CA PRO B 143 10.18 -4.26 -1.88
C PRO B 143 10.15 -5.75 -2.19
N MET B 144 9.70 -6.62 -1.26
CA MET B 144 9.70 -8.05 -1.55
CA MET B 144 9.69 -8.05 -1.54
C MET B 144 8.66 -8.45 -2.57
N ALA B 145 7.73 -7.56 -2.93
CA ALA B 145 6.70 -7.87 -3.91
C ALA B 145 7.08 -7.42 -5.32
N ARG B 146 8.34 -7.02 -5.52
CA ARG B 146 8.70 -6.29 -6.74
C ARG B 146 8.47 -7.11 -8.00
N SER B 147 9.05 -8.31 -8.07
CA SER B 147 8.90 -9.12 -9.28
CA SER B 147 8.89 -9.10 -9.29
C SER B 147 7.44 -9.52 -9.50
N PHE B 148 6.72 -9.84 -8.42
CA PHE B 148 5.31 -10.17 -8.54
C PHE B 148 4.51 -9.01 -9.13
N VAL B 149 4.70 -7.80 -8.59
CA VAL B 149 3.95 -6.65 -9.07
C VAL B 149 4.28 -6.36 -10.52
N ALA B 150 5.58 -6.40 -10.87
CA ALA B 150 6.00 -6.29 -12.25
C ALA B 150 5.24 -7.25 -13.16
N ARG B 151 5.17 -8.54 -12.79
CA ARG B 151 4.45 -9.50 -13.62
C ARG B 151 2.98 -9.10 -13.78
N GLN B 152 2.36 -8.60 -12.72
CA GLN B 152 0.94 -8.22 -12.80
C GLN B 152 0.74 -6.98 -13.66
N ILE B 153 1.70 -6.04 -13.59
CA ILE B 153 1.62 -4.84 -14.41
C ILE B 153 1.78 -5.19 -15.88
N VAL B 154 2.67 -6.13 -16.19
CA VAL B 154 2.81 -6.61 -17.57
C VAL B 154 1.47 -7.14 -18.08
N LYS B 155 0.71 -7.81 -17.21
CA LYS B 155 -0.61 -8.30 -17.61
C LYS B 155 -1.56 -7.15 -17.93
N LEU B 156 -1.40 -6.01 -17.27
CA LEU B 156 -2.19 -4.82 -17.58
C LEU B 156 -1.68 -4.08 -18.80
N GLY B 157 -0.67 -4.60 -19.49
CA GLY B 157 -0.16 -3.95 -20.68
C GLY B 157 0.89 -2.90 -20.42
N GLY B 158 1.44 -2.83 -19.21
CA GLY B 158 2.48 -1.89 -18.90
C GLY B 158 3.86 -2.53 -18.99
N ASP B 159 4.87 -1.69 -19.15
CA ASP B 159 6.26 -2.14 -19.15
C ASP B 159 6.94 -1.52 -17.94
N PRO B 160 7.10 -2.28 -16.86
CA PRO B 160 7.66 -1.70 -15.63
C PRO B 160 9.17 -1.67 -15.67
N GLU B 161 9.74 -0.59 -15.14
CA GLU B 161 11.18 -0.44 -15.04
C GLU B 161 11.53 -0.07 -13.60
N TYR B 162 12.27 -0.94 -12.94
CA TYR B 162 12.71 -0.68 -11.57
C TYR B 162 13.61 0.55 -11.53
N ARG B 163 13.23 1.53 -10.70
CA ARG B 163 14.04 2.74 -10.50
C ARG B 163 15.19 2.41 -9.56
N GLU B 164 16.31 1.96 -10.14
CA GLU B 164 17.38 1.37 -9.35
C GLU B 164 17.98 2.37 -8.38
N GLY B 165 18.27 1.88 -7.17
CA GLY B 165 18.89 2.68 -6.14
C GLY B 165 17.97 3.60 -5.39
N PHE B 166 16.71 3.74 -5.79
CA PHE B 166 15.82 4.69 -5.13
C PHE B 166 14.96 3.98 -4.09
N VAL B 167 14.79 4.65 -2.95
CA VAL B 167 13.90 4.21 -1.88
C VAL B 167 13.03 5.40 -1.50
N THR B 168 11.71 5.19 -1.49
CA THR B 168 10.78 6.26 -1.13
C THR B 168 10.89 6.59 0.36
N ASP B 169 10.22 7.70 0.72
CA ASP B 169 10.08 8.10 2.11
C ASP B 169 9.51 6.99 2.98
N ASN B 170 8.76 6.06 2.38
CA ASN B 170 8.09 5.00 3.12
C ASN B 170 8.84 3.68 3.10
N GLY B 171 10.09 3.67 2.63
CA GLY B 171 10.90 2.48 2.63
C GLY B 171 10.66 1.56 1.45
N ASN B 172 9.97 2.03 0.43
CA ASN B 172 9.56 1.17 -0.67
C ASN B 172 10.34 1.48 -1.93
N ILE B 173 10.11 0.66 -2.95
CA ILE B 173 10.73 0.83 -4.25
C ILE B 173 9.68 1.40 -5.21
N ILE B 174 10.17 1.89 -6.36
CA ILE B 174 9.35 2.41 -7.44
C ILE B 174 9.60 1.56 -8.68
N LEU B 175 8.52 1.07 -9.29
CA LEU B 175 8.52 0.67 -10.69
C LEU B 175 7.93 1.80 -11.51
N ASP B 176 8.70 2.34 -12.46
CA ASP B 176 8.18 3.32 -13.40
C ASP B 176 7.62 2.57 -14.60
N VAL B 177 6.32 2.72 -14.85
CA VAL B 177 5.60 1.88 -15.80
C VAL B 177 5.29 2.68 -17.05
N PHE B 178 5.68 2.14 -18.20
CA PHE B 178 5.46 2.74 -19.51
C PHE B 178 4.34 2.03 -20.26
N ASN B 179 3.71 2.76 -21.17
CA ASN B 179 2.82 2.24 -22.21
C ASN B 179 1.45 1.79 -21.69
N LEU B 180 1.05 2.23 -20.49
CA LEU B 180 -0.28 1.90 -20.00
C LEU B 180 -1.34 2.67 -20.79
N SER B 181 -2.50 2.04 -20.95
CA SER B 181 -3.59 2.71 -21.65
C SER B 181 -4.33 3.65 -20.70
N PHE B 182 -4.51 4.90 -21.12
CA PHE B 182 -5.23 5.88 -20.32
C PHE B 182 -6.65 6.12 -20.82
N SER B 183 -7.21 5.14 -21.53
CA SER B 183 -8.58 5.29 -22.03
C SER B 183 -9.56 5.53 -20.89
N THR B 184 -9.35 4.86 -19.75
CA THR B 184 -10.22 5.02 -18.58
C THR B 184 -9.33 5.21 -17.36
N PRO B 185 -8.90 6.45 -17.12
CA PRO B 185 -7.84 6.70 -16.14
C PRO B 185 -8.20 6.30 -14.71
N MET B 186 -9.46 6.45 -14.29
CA MET B 186 -9.80 6.10 -12.92
C MET B 186 -9.77 4.59 -12.72
N ALA B 187 -10.30 3.83 -13.68
CA ALA B 187 -10.21 2.38 -13.60
C ALA B 187 -8.76 1.91 -13.65
N LEU B 188 -7.90 2.60 -14.40
CA LEU B 188 -6.48 2.26 -14.40
C LEU B 188 -5.87 2.45 -13.02
N GLU B 189 -6.10 3.62 -12.43
CA GLU B 189 -5.60 3.92 -11.09
C GLU B 189 -6.01 2.83 -10.10
N ASP B 190 -7.28 2.42 -10.14
CA ASP B 190 -7.74 1.36 -9.24
C ASP B 190 -7.07 0.04 -9.55
N SER B 191 -6.93 -0.30 -10.83
CA SER B 191 -6.40 -1.61 -11.20
C SER B 191 -4.96 -1.77 -10.73
N LEU B 192 -4.20 -0.66 -10.69
CA LEU B 192 -2.87 -0.72 -10.10
C LEU B 192 -2.94 -0.91 -8.59
N ASN B 193 -3.81 -0.14 -7.92
CA ASN B 193 -3.82 -0.15 -6.46
C ASN B 193 -4.36 -1.43 -5.85
N VAL B 194 -5.13 -2.24 -6.59
CA VAL B 194 -5.63 -3.47 -5.99
C VAL B 194 -4.61 -4.61 -6.08
N ILE B 195 -3.50 -4.43 -6.80
CA ILE B 195 -2.50 -5.51 -6.88
C ILE B 195 -1.83 -5.66 -5.53
N PRO B 196 -1.77 -6.87 -4.95
CA PRO B 196 -1.05 -7.04 -3.68
C PRO B 196 0.40 -6.61 -3.79
N GLY B 197 0.83 -5.77 -2.85
CA GLY B 197 2.15 -5.20 -2.88
C GLY B 197 2.23 -3.79 -3.45
N VAL B 198 1.22 -3.35 -4.20
CA VAL B 198 1.20 -1.97 -4.66
C VAL B 198 0.72 -1.09 -3.51
N VAL B 199 1.53 -0.09 -3.16
CA VAL B 199 1.16 0.86 -2.12
C VAL B 199 0.34 2.00 -2.70
N GLU B 200 0.74 2.52 -3.85
CA GLU B 200 0.07 3.67 -4.47
C GLU B 200 0.70 3.82 -5.86
N ASN B 201 0.05 4.62 -6.71
CA ASN B 201 0.56 4.87 -8.05
C ASN B 201 0.32 6.31 -8.45
N GLY B 202 1.03 6.75 -9.49
CA GLY B 202 1.09 8.14 -9.86
C GLY B 202 -0.03 8.66 -10.72
N VAL B 203 -1.01 7.83 -11.05
CA VAL B 203 -2.19 8.32 -11.76
C VAL B 203 -3.05 9.08 -10.75
N PHE B 204 -3.33 10.35 -11.04
CA PHE B 204 -4.24 11.16 -10.26
C PHE B 204 -5.47 11.41 -11.13
N ALA B 205 -6.37 10.44 -11.14
CA ALA B 205 -7.62 10.59 -11.89
C ALA B 205 -8.85 10.59 -11.00
N LYS B 206 -8.74 10.10 -9.77
CA LYS B 206 -9.84 10.13 -8.82
C LYS B 206 -9.82 11.39 -7.97
N ARG B 207 -8.63 11.91 -7.69
CA ARG B 207 -8.43 13.20 -7.03
C ARG B 207 -7.81 14.13 -8.09
N LEU B 208 -8.64 15.01 -8.63
CA LEU B 208 -8.21 15.96 -9.65
C LEU B 208 -7.64 17.23 -9.03
N ALA B 209 -6.81 17.92 -9.80
CA ALA B 209 -6.48 19.29 -9.50
C ALA B 209 -7.73 20.15 -9.63
N ASP B 210 -7.99 21.00 -8.64
CA ASP B 210 -9.11 21.92 -8.76
C ASP B 210 -8.74 23.14 -9.58
N LYS B 211 -7.48 23.58 -9.48
CA LYS B 211 -6.97 24.69 -10.29
C LYS B 211 -5.65 24.25 -10.90
N VAL B 212 -5.46 24.57 -12.18
CA VAL B 212 -4.23 24.22 -12.90
C VAL B 212 -3.63 25.51 -13.41
N LEU B 213 -2.53 25.96 -12.80
CA LEU B 213 -1.91 27.24 -13.14
C LEU B 213 -0.72 26.96 -14.04
N VAL B 214 -0.77 27.45 -15.28
CA VAL B 214 0.20 27.11 -16.31
C VAL B 214 1.00 28.36 -16.66
N ALA B 215 2.29 28.33 -16.34
CA ALA B 215 3.16 29.44 -16.68
C ALA B 215 3.74 29.25 -18.09
N SER B 216 3.71 30.33 -18.87
CA SER B 216 4.29 30.39 -20.20
C SER B 216 4.93 31.76 -20.38
N ALA B 217 5.42 32.02 -21.59
CA ALA B 217 6.06 33.29 -21.88
C ALA B 217 5.11 34.46 -21.60
N SER B 218 3.83 34.30 -21.91
CA SER B 218 2.86 35.39 -21.82
C SER B 218 2.33 35.59 -20.41
N GLY B 219 2.60 34.69 -19.47
CA GLY B 219 2.14 34.81 -18.11
C GLY B 219 1.66 33.48 -17.58
N VAL B 220 0.76 33.54 -16.60
CA VAL B 220 0.17 32.36 -15.98
C VAL B 220 -1.30 32.29 -16.38
N ASN B 221 -1.70 31.13 -16.90
CA ASN B 221 -3.06 30.91 -17.37
C ASN B 221 -3.69 29.80 -16.53
N ASN B 222 -4.89 30.05 -16.03
CA ASN B 222 -5.62 29.05 -15.27
C ASN B 222 -6.28 28.11 -16.28
N LEU B 223 -5.57 27.02 -16.60
CA LEU B 223 -6.12 26.03 -17.52
C LEU B 223 -7.42 25.47 -16.95
N LYS B 224 -7.50 25.35 -15.63
CA LYS B 224 -8.69 24.93 -14.91
C LYS B 224 -8.91 25.89 -13.74
C1 R5P C . -1.57 -12.91 10.88
O1 R5P C . -1.19 -11.92 10.29
C2 R5P C . -2.11 -14.13 10.08
O2 R5P C . -3.35 -13.86 9.43
C3 R5P C . -2.19 -15.45 10.91
O3 R5P C . -2.02 -16.54 10.00
C4 R5P C . -3.52 -15.60 11.66
O4 R5P C . -3.63 -14.51 12.59
C5 R5P C . -3.67 -16.94 12.35
O5 R5P C . -2.88 -16.98 13.57
P R5P C . -2.93 -18.16 14.74
O1P R5P C . -1.91 -17.84 15.82
O2P R5P C . -4.35 -18.19 15.29
O3P R5P C . -2.67 -19.50 14.04
NA NA D . -4.30 2.59 -1.46
C2 5RP E . 6.97 14.04 -7.18
C3 5RP E . 5.87 14.72 -7.99
C5 5RP E . 6.20 16.12 -8.51
O13 5RP E . 5.16 17.03 -8.18
C6 5RP E . 6.34 16.01 -10.03
O14 5RP E . 7.37 15.06 -10.33
C7 5RP E . 6.59 17.34 -10.68
O8 5RP E . 7.90 17.83 -10.29
P9 5RP E . 8.66 19.04 -11.05
O12 5RP E . 10.07 19.08 -10.57
O11 5RP E . 8.55 18.73 -12.54
O10 5RP E . 7.90 20.33 -10.72
O4 5RP E . 4.79 14.23 -8.24
O1 5RP E . 6.47 12.84 -6.61
NA NA F . -2.41 -3.02 -3.06
#